data_3WQ7
#
_entry.id   3WQ7
#
_cell.length_a   134.729
_cell.length_b   62.568
_cell.length_c   86.284
_cell.angle_alpha   90.000
_cell.angle_beta   95.080
_cell.angle_gamma   90.000
#
_symmetry.space_group_name_H-M   'C 1 2 1'
#
loop_
_entity.id
_entity.type
_entity.pdbx_description
1 polymer 'Endoglucanase A'
2 non-polymer 'CALCIUM ION'
3 non-polymer GLYCEROL
4 water water
#
_entity_poly.entity_id   1
_entity_poly.type   'polypeptide(L)'
_entity_poly.pdbx_seq_one_letter_code
;MSKKKFVIVSILTILLVQAIYFVEKYHTSEDKSTSNTSSTPPQTTLSTTKVLKIRYPDDGEWPGAPIDKDGDGNPEFYIE
INLWNILNATGFAEMTYNLTSGVLHYVQQLDNIVLRDRSNWVHGYPEIFYGNKPWNANYATDGPIPLPSKVSNLTDFYLT
ISYKLEPKNGLPINFAIESWLTREAWRTTGINSDEQEVMIWIYYDGLQPAGSKVKEIVVPIIVNGTPVNATFEVWKANIG
WEYVAFRIKTPIKEGTVTIPYGAFISVAANISSLPNYTELYLEDVEIGTEFGTPSTTSAHLEWWITNITLTPLDRPLIS
;
_entity_poly.pdbx_strand_id   A,B
#
loop_
_chem_comp.id
_chem_comp.type
_chem_comp.name
_chem_comp.formula
CA non-polymer 'CALCIUM ION' 'Ca 2'
GOL non-polymer GLYCEROL 'C3 H8 O3'
#
# COMPACT_ATOMS: atom_id res chain seq x y z
N LYS A 50 42.59 0.16 5.07
CA LYS A 50 42.07 -1.24 5.28
C LYS A 50 40.49 -1.20 5.26
N VAL A 51 39.88 -1.39 6.44
CA VAL A 51 38.41 -1.47 6.58
C VAL A 51 38.05 -0.63 7.82
N LEU A 52 37.22 0.39 7.59
CA LEU A 52 36.71 1.24 8.66
C LEU A 52 35.48 0.50 9.26
N LYS A 53 35.37 0.34 10.60
CA LYS A 53 34.25 -0.47 11.15
C LYS A 53 33.64 0.35 12.28
N ILE A 54 32.32 0.46 12.29
CA ILE A 54 31.67 1.05 13.45
C ILE A 54 30.58 0.05 13.89
N ARG A 55 30.31 0.00 15.22
CA ARG A 55 29.42 -1.06 15.66
C ARG A 55 28.62 -0.59 16.84
N TYR A 56 27.29 -0.88 16.84
CA TYR A 56 26.39 -0.69 17.98
C TYR A 56 26.16 -2.09 18.52
N PRO A 57 26.18 -2.22 19.85
CA PRO A 57 26.33 -1.22 20.85
C PRO A 57 27.79 -0.94 21.35
N ASP A 58 28.73 -1.69 20.81
CA ASP A 58 30.10 -1.73 21.37
C ASP A 58 30.76 -0.35 21.32
N ASP A 59 30.48 0.44 20.25
CA ASP A 59 31.12 1.76 20.19
C ASP A 59 30.33 2.80 20.91
N GLY A 60 29.21 2.42 21.52
CA GLY A 60 28.36 3.43 22.23
C GLY A 60 26.99 3.62 21.56
N GLU A 61 26.20 4.52 22.08
N GLU A 61 26.23 4.58 22.10
CA GLU A 61 24.84 4.68 21.57
CA GLU A 61 24.87 4.96 21.66
C GLU A 61 24.87 5.29 20.14
C GLU A 61 24.86 5.36 20.18
N TRP A 62 25.91 6.07 19.80
CA TRP A 62 25.93 6.79 18.54
C TRP A 62 27.21 6.53 17.69
N PRO A 63 27.40 5.24 17.30
CA PRO A 63 28.61 4.96 16.44
C PRO A 63 28.57 5.73 15.12
N GLY A 64 29.72 6.27 14.73
CA GLY A 64 29.80 7.00 13.42
C GLY A 64 31.30 7.30 13.13
N ALA A 65 31.59 7.61 11.88
CA ALA A 65 33.03 7.89 11.54
C ALA A 65 33.07 8.62 10.22
N PRO A 66 34.10 9.43 10.06
CA PRO A 66 34.35 9.98 8.74
C PRO A 66 34.97 9.03 7.78
N ILE A 67 34.67 9.26 6.50
CA ILE A 67 35.40 8.64 5.42
C ILE A 67 36.28 9.77 4.82
N ASP A 68 37.61 9.69 5.01
CA ASP A 68 38.55 10.79 4.62
C ASP A 68 39.72 10.17 3.88
N LYS A 69 39.54 9.88 2.60
CA LYS A 69 40.56 9.14 1.84
C LYS A 69 41.92 9.84 1.77
N ASP A 70 41.90 11.13 1.52
CA ASP A 70 43.16 11.86 1.33
C ASP A 70 43.70 12.47 2.64
N GLY A 71 43.14 12.00 3.77
CA GLY A 71 43.49 12.48 5.11
C GLY A 71 43.61 13.98 5.28
N ASP A 72 42.85 14.78 4.51
CA ASP A 72 42.97 16.24 4.61
C ASP A 72 42.16 16.83 5.79
N GLY A 73 41.55 15.95 6.60
CA GLY A 73 40.71 16.34 7.73
C GLY A 73 39.36 16.87 7.24
N ASN A 74 39.13 16.74 5.94
CA ASN A 74 37.80 17.06 5.32
C ASN A 74 37.28 15.75 4.69
N PRO A 75 36.35 15.09 5.40
CA PRO A 75 35.89 13.83 4.91
C PRO A 75 35.11 13.99 3.56
N GLU A 76 35.09 12.95 2.73
CA GLU A 76 34.27 12.89 1.49
C GLU A 76 32.81 12.45 1.88
N PHE A 77 32.72 11.64 2.93
CA PHE A 77 31.38 11.12 3.39
C PHE A 77 31.51 10.86 4.87
N TYR A 78 30.36 10.69 5.55
CA TYR A 78 30.35 10.39 6.95
C TYR A 78 29.34 9.29 7.19
N ILE A 79 29.69 8.29 8.02
CA ILE A 79 28.70 7.20 8.20
C ILE A 79 28.26 7.18 9.69
N GLU A 80 26.99 6.79 9.87
CA GLU A 80 26.40 6.67 11.25
C GLU A 80 25.49 5.50 11.28
N ILE A 81 25.55 4.74 12.39
CA ILE A 81 24.56 3.69 12.58
C ILE A 81 23.16 4.29 12.91
N ASN A 82 23.17 5.35 13.74
CA ASN A 82 21.97 6.20 13.91
C ASN A 82 20.66 5.48 14.25
N LEU A 83 20.71 4.75 15.35
CA LEU A 83 19.52 4.02 15.78
C LEU A 83 18.67 4.99 16.64
N TRP A 84 18.25 6.05 15.98
CA TRP A 84 17.90 7.25 16.80
C TRP A 84 16.59 7.11 17.58
N ASN A 85 15.70 6.14 17.25
CA ASN A 85 14.48 5.97 18.11
C ASN A 85 14.47 4.63 18.82
N ILE A 86 15.64 4.00 18.90
CA ILE A 86 15.78 2.79 19.75
C ILE A 86 16.24 3.22 21.15
N LEU A 87 15.38 2.96 22.16
CA LEU A 87 15.75 3.19 23.57
C LEU A 87 16.60 2.02 24.05
N ASN A 88 16.20 0.76 23.78
CA ASN A 88 17.01 -0.42 24.17
C ASN A 88 16.75 -1.53 23.15
N ALA A 89 17.73 -2.43 22.96
CA ALA A 89 17.54 -3.59 22.09
C ALA A 89 18.63 -4.57 22.48
N THR A 90 18.47 -5.79 22.08
CA THR A 90 19.53 -6.73 22.15
C THR A 90 20.08 -6.97 20.75
N GLY A 91 21.26 -7.52 20.66
CA GLY A 91 21.85 -7.75 19.32
C GLY A 91 22.83 -6.65 18.97
N PHE A 92 23.06 -6.48 17.67
CA PHE A 92 24.06 -5.54 17.23
C PHE A 92 23.73 -5.03 15.83
N ALA A 93 24.46 -3.97 15.45
CA ALA A 93 24.45 -3.50 14.10
C ALA A 93 25.88 -3.04 13.80
N GLU A 94 26.36 -3.36 12.60
CA GLU A 94 27.75 -3.07 12.30
C GLU A 94 27.81 -2.54 10.87
N MET A 95 28.61 -1.52 10.63
CA MET A 95 28.76 -1.04 9.32
C MET A 95 30.29 -1.03 9.07
N THR A 96 30.69 -1.50 7.88
CA THR A 96 32.08 -1.46 7.49
C THR A 96 32.20 -0.75 6.14
N TYR A 97 33.35 -0.12 5.94
CA TYR A 97 33.65 0.59 4.71
C TYR A 97 35.06 0.12 4.30
N ASN A 98 35.12 -0.54 3.14
CA ASN A 98 36.40 -1.10 2.63
C ASN A 98 37.07 0.05 1.90
N LEU A 99 38.24 0.48 2.40
CA LEU A 99 38.83 1.73 1.87
C LEU A 99 39.43 1.48 0.45
N THR A 100 39.60 0.20 0.11
CA THR A 100 40.06 -0.18 -1.24
C THR A 100 38.94 -0.35 -2.28
N SER A 101 37.95 -1.18 -1.94
CA SER A 101 36.85 -1.49 -2.88
C SER A 101 35.81 -0.35 -2.87
N GLY A 102 35.75 0.43 -1.82
CA GLY A 102 34.72 1.51 -1.67
C GLY A 102 33.35 0.93 -1.26
N VAL A 103 33.31 -0.33 -0.84
CA VAL A 103 32.03 -0.99 -0.52
C VAL A 103 31.69 -0.66 0.96
N LEU A 104 30.47 -0.13 1.13
CA LEU A 104 29.90 0.03 2.50
C LEU A 104 28.94 -1.10 2.72
N HIS A 105 29.08 -1.79 3.86
CA HIS A 105 28.27 -2.93 4.09
C HIS A 105 27.70 -2.84 5.51
N TYR A 106 26.39 -3.02 5.62
CA TYR A 106 25.68 -2.89 6.90
C TYR A 106 25.04 -4.23 7.23
N VAL A 107 25.25 -4.68 8.46
CA VAL A 107 24.62 -5.92 8.95
C VAL A 107 23.97 -5.59 10.30
N GLN A 108 22.72 -5.90 10.42
CA GLN A 108 21.95 -5.51 11.64
C GLN A 108 21.15 -6.73 12.08
N GLN A 109 21.32 -7.06 13.35
CA GLN A 109 20.56 -8.20 13.93
C GLN A 109 20.04 -7.73 15.27
N LEU A 110 18.93 -7.00 15.26
CA LEU A 110 18.49 -6.42 16.55
C LEU A 110 17.22 -7.05 16.98
N ASP A 111 17.09 -7.26 18.29
CA ASP A 111 15.90 -7.95 18.81
C ASP A 111 15.44 -7.28 20.08
N ASN A 112 14.24 -7.67 20.58
CA ASN A 112 13.70 -7.12 21.84
C ASN A 112 13.71 -5.61 21.82
N ILE A 113 13.37 -5.01 20.62
CA ILE A 113 13.51 -3.59 20.48
C ILE A 113 12.45 -2.85 21.27
N VAL A 114 12.86 -1.78 21.94
CA VAL A 114 11.92 -0.84 22.55
C VAL A 114 12.24 0.55 22.00
N LEU A 115 11.20 1.35 21.67
CA LEU A 115 11.46 2.64 21.08
C LEU A 115 11.49 3.76 22.08
N ARG A 116 12.28 4.81 21.78
CA ARG A 116 12.19 6.05 22.57
C ARG A 116 10.84 6.67 22.58
N ASP A 117 10.22 6.79 21.39
CA ASP A 117 8.96 7.51 21.29
C ASP A 117 8.20 6.86 20.21
N ARG A 118 7.15 6.08 20.56
CA ARG A 118 6.36 5.36 19.50
C ARG A 118 5.77 6.31 18.46
N SER A 119 5.50 7.53 18.85
CA SER A 119 4.88 8.43 17.87
C SER A 119 5.90 8.82 16.75
N ASN A 120 7.19 8.64 17.03
CA ASN A 120 8.22 8.89 15.96
C ASN A 120 8.32 7.72 14.97
N TRP A 121 7.68 6.59 15.27
CA TRP A 121 7.22 5.54 14.30
C TRP A 121 8.34 4.59 13.87
N VAL A 122 9.35 5.14 13.16
CA VAL A 122 10.47 4.27 12.74
C VAL A 122 11.50 4.13 13.86
N HIS A 123 12.40 3.12 13.68
CA HIS A 123 13.37 2.87 14.72
C HIS A 123 14.67 3.62 14.60
N GLY A 124 15.08 3.83 13.32
CA GLY A 124 16.43 4.47 13.14
C GLY A 124 16.68 4.64 11.63
N TYR A 125 17.90 5.08 11.29
CA TYR A 125 18.20 5.38 9.86
C TYR A 125 19.69 5.26 9.74
N PRO A 126 20.18 4.00 9.74
CA PRO A 126 21.67 3.81 9.49
C PRO A 126 21.96 4.31 8.06
N GLU A 127 23.04 5.08 7.91
CA GLU A 127 23.18 5.94 6.70
C GLU A 127 24.65 6.36 6.44
N ILE A 128 24.81 6.87 5.25
CA ILE A 128 26.08 7.52 4.87
C ILE A 128 25.61 8.93 4.32
N PHE A 129 26.36 10.01 4.59
CA PHE A 129 25.88 11.31 4.05
C PHE A 129 27.07 12.19 3.60
N TYR A 130 26.66 13.20 2.82
CA TYR A 130 27.62 14.24 2.28
C TYR A 130 27.00 15.58 2.76
N GLY A 131 27.83 16.50 3.22
CA GLY A 131 27.30 17.82 3.66
C GLY A 131 27.38 17.96 5.11
N ASN A 132 26.62 18.91 5.65
CA ASN A 132 26.57 19.07 7.05
C ASN A 132 25.27 18.44 7.60
N LYS A 133 25.39 17.39 8.41
CA LYS A 133 24.21 16.86 9.05
C LYS A 133 23.85 17.79 10.24
N PRO A 134 22.60 18.35 10.23
CA PRO A 134 22.35 19.44 11.22
C PRO A 134 22.04 18.96 12.61
N TRP A 135 21.88 17.64 12.82
CA TRP A 135 21.56 17.14 14.18
C TRP A 135 22.77 16.86 15.05
N ASN A 136 23.95 17.02 14.49
CA ASN A 136 25.17 16.85 15.22
C ASN A 136 26.35 17.60 14.64
N ALA A 137 27.53 17.36 15.26
CA ALA A 137 28.74 18.07 14.80
C ALA A 137 29.47 17.35 13.64
N ASN A 138 28.79 16.41 12.98
CA ASN A 138 29.44 15.69 11.94
C ASN A 138 29.20 16.31 10.59
N TYR A 139 30.20 16.19 9.73
CA TYR A 139 30.12 16.72 8.38
C TYR A 139 31.11 16.12 7.44
N ALA A 140 30.86 16.33 6.17
CA ALA A 140 31.75 15.81 5.11
C ALA A 140 31.51 16.78 3.95
N THR A 141 32.55 17.57 3.63
CA THR A 141 32.37 18.49 2.54
C THR A 141 33.39 18.41 1.42
N ASP A 142 34.15 17.31 1.37
CA ASP A 142 35.10 17.13 0.27
C ASP A 142 34.42 16.46 -0.90
N GLY A 143 33.77 17.27 -1.72
CA GLY A 143 33.02 16.79 -2.82
C GLY A 143 32.72 17.92 -3.82
N PRO A 144 32.10 17.60 -4.96
CA PRO A 144 31.89 18.62 -6.02
C PRO A 144 30.73 19.58 -5.79
N ILE A 145 29.81 19.20 -4.89
CA ILE A 145 28.66 20.08 -4.58
C ILE A 145 28.85 20.80 -3.28
N PRO A 146 28.73 22.16 -3.27
CA PRO A 146 29.20 22.90 -2.10
C PRO A 146 28.11 22.96 -1.03
N LEU A 147 27.76 21.83 -0.41
CA LEU A 147 26.78 21.86 0.68
C LEU A 147 27.49 22.02 1.97
N PRO A 148 26.99 22.90 2.86
CA PRO A 148 25.67 23.55 2.79
C PRO A 148 25.75 24.82 1.93
N SER A 149 24.70 25.09 1.14
CA SER A 149 24.58 26.38 0.42
C SER A 149 23.09 26.71 0.37
N LYS A 150 22.77 28.00 0.21
CA LYS A 150 21.36 28.31 -0.08
C LYS A 150 20.83 27.66 -1.33
N VAL A 151 19.57 27.12 -1.28
CA VAL A 151 18.89 26.60 -2.45
C VAL A 151 18.85 27.50 -3.63
N SER A 152 18.65 28.78 -3.32
CA SER A 152 18.61 29.75 -4.38
C SER A 152 19.97 29.95 -5.03
N ASN A 153 21.05 29.43 -4.46
CA ASN A 153 22.39 29.63 -5.03
C ASN A 153 23.02 28.39 -5.66
N LEU A 154 22.41 27.26 -5.44
CA LEU A 154 22.96 25.99 -5.91
C LEU A 154 22.61 25.61 -7.30
N THR A 155 23.57 24.96 -8.00
CA THR A 155 23.12 24.41 -9.26
C THR A 155 22.52 22.99 -8.97
N ASP A 156 21.83 22.48 -9.97
CA ASP A 156 21.25 21.14 -9.94
C ASP A 156 22.40 20.12 -10.00
N PHE A 157 22.02 18.88 -9.63
CA PHE A 157 23.07 17.82 -9.69
C PHE A 157 22.29 16.52 -9.78
N TYR A 158 22.92 15.51 -10.39
CA TYR A 158 22.40 14.15 -10.32
C TYR A 158 23.01 13.53 -9.06
N LEU A 159 22.21 12.65 -8.46
CA LEU A 159 22.66 11.77 -7.34
C LEU A 159 22.44 10.36 -7.87
N THR A 160 23.59 9.59 -7.90
CA THR A 160 23.58 8.19 -8.44
C THR A 160 24.05 7.30 -7.29
N ILE A 161 23.29 6.26 -7.02
CA ILE A 161 23.64 5.34 -5.91
C ILE A 161 23.51 3.90 -6.42
N SER A 162 24.52 3.09 -6.11
CA SER A 162 24.47 1.66 -6.39
C SER A 162 24.36 0.93 -5.08
N TYR A 163 23.41 0.04 -5.03
CA TYR A 163 23.08 -0.58 -3.69
C TYR A 163 22.35 -1.91 -3.84
N LYS A 164 22.26 -2.67 -2.73
CA LYS A 164 21.51 -3.85 -2.74
C LYS A 164 20.95 -4.02 -1.32
N LEU A 165 19.64 -4.18 -1.23
CA LEU A 165 18.94 -4.27 0.11
C LEU A 165 18.47 -5.69 0.34
N GLU A 166 18.71 -6.13 1.57
CA GLU A 166 18.19 -7.48 2.01
C GLU A 166 17.57 -7.31 3.42
N PRO A 167 16.37 -6.75 3.49
CA PRO A 167 15.59 -6.81 4.75
C PRO A 167 15.14 -8.23 5.01
N LYS A 168 15.12 -8.67 6.26
CA LYS A 168 14.70 -10.03 6.51
C LYS A 168 13.38 -10.13 7.22
N ASN A 169 12.67 -11.26 6.97
CA ASN A 169 11.46 -11.57 7.73
C ASN A 169 10.29 -10.57 7.64
N GLY A 170 10.18 -9.79 6.54
CA GLY A 170 9.03 -8.88 6.43
C GLY A 170 9.31 -7.52 7.08
N LEU A 171 10.51 -7.28 7.52
CA LEU A 171 10.83 -6.02 8.22
C LEU A 171 10.38 -4.80 7.35
N PRO A 172 9.59 -3.90 7.94
CA PRO A 172 9.24 -2.67 7.16
C PRO A 172 10.50 -1.84 6.99
N ILE A 173 10.77 -1.40 5.75
CA ILE A 173 12.01 -0.59 5.54
C ILE A 173 11.75 0.30 4.34
N ASN A 174 12.60 1.29 4.27
CA ASN A 174 12.73 2.01 2.97
C ASN A 174 14.22 2.13 2.64
N PHE A 175 14.52 2.64 1.44
CA PHE A 175 15.86 3.15 1.12
C PHE A 175 15.56 4.58 0.70
N ALA A 176 16.06 5.49 1.48
CA ALA A 176 15.61 6.89 1.35
C ALA A 176 16.79 7.79 1.43
N ILE A 177 16.72 8.78 0.54
CA ILE A 177 17.66 9.89 0.45
C ILE A 177 17.01 11.05 1.21
N GLU A 178 17.78 11.78 2.02
CA GLU A 178 17.15 12.85 2.80
C GLU A 178 18.05 14.06 2.80
N SER A 179 17.41 15.26 2.79
CA SER A 179 18.17 16.46 2.99
C SER A 179 17.38 17.31 4.06
N TRP A 180 18.09 18.14 4.77
CA TRP A 180 17.46 19.09 5.71
C TRP A 180 17.71 20.44 5.09
N LEU A 181 16.73 21.36 5.25
CA LEU A 181 16.89 22.73 4.74
C LEU A 181 16.72 23.66 5.95
N THR A 182 17.77 24.43 6.33
CA THR A 182 17.82 25.12 7.63
C THR A 182 18.10 26.63 7.37
N ARG A 183 17.76 27.50 8.32
N ARG A 183 17.71 27.40 8.38
CA ARG A 183 18.14 28.95 8.14
CA ARG A 183 17.97 28.87 8.35
C ARG A 183 19.49 29.28 8.80
C ARG A 183 19.47 29.16 8.49
N GLU A 184 20.19 28.29 9.22
CA GLU A 184 21.64 28.42 9.55
C GLU A 184 22.39 27.36 8.71
N ALA A 185 23.49 27.76 8.05
CA ALA A 185 24.22 26.76 7.22
C ALA A 185 24.90 25.74 8.08
N TRP A 186 25.53 26.17 9.18
CA TRP A 186 26.34 25.25 9.97
C TRP A 186 25.61 24.92 11.25
N ARG A 187 24.34 24.56 11.14
CA ARG A 187 23.63 24.05 12.34
C ARG A 187 24.15 22.73 12.87
N THR A 188 24.23 22.50 14.21
CA THR A 188 24.67 21.21 14.73
C THR A 188 23.74 20.76 15.85
N THR A 189 22.66 21.50 16.15
CA THR A 189 21.84 21.20 17.33
C THR A 189 20.39 20.86 17.02
N GLY A 190 20.08 20.55 15.76
CA GLY A 190 18.75 20.07 15.44
C GLY A 190 17.99 20.97 14.51
N ILE A 191 16.64 20.87 14.56
CA ILE A 191 15.86 21.48 13.48
C ILE A 191 14.68 22.19 14.16
N ASN A 192 14.37 23.35 13.59
CA ASN A 192 13.21 24.18 14.14
C ASN A 192 11.94 24.07 13.31
N SER A 193 10.85 24.62 13.83
CA SER A 193 9.60 24.41 13.16
C SER A 193 9.46 25.14 11.86
N ASP A 194 10.35 26.10 11.56
CA ASP A 194 10.27 26.80 10.32
C ASP A 194 11.32 26.32 9.32
N GLU A 195 11.69 25.03 9.47
CA GLU A 195 12.67 24.46 8.52
C GLU A 195 12.04 23.15 7.86
N GLN A 196 12.80 22.52 6.89
CA GLN A 196 12.16 21.45 6.12
C GLN A 196 13.07 20.22 6.17
N GLU A 197 12.41 19.11 6.00
CA GLU A 197 13.10 17.83 5.71
C GLU A 197 12.49 17.33 4.43
N VAL A 198 13.35 16.85 3.47
CA VAL A 198 12.86 16.32 2.24
C VAL A 198 13.40 14.90 2.15
N MET A 199 12.54 13.96 1.85
CA MET A 199 13.02 12.56 1.69
C MET A 199 12.60 12.10 0.27
N ILE A 200 13.44 11.28 -0.35
CA ILE A 200 13.08 10.63 -1.63
C ILE A 200 13.25 9.11 -1.44
N TRP A 201 12.16 8.36 -1.41
CA TRP A 201 12.20 6.90 -1.12
C TRP A 201 12.28 6.18 -2.46
N ILE A 202 13.42 5.50 -2.71
CA ILE A 202 13.48 4.73 -3.96
C ILE A 202 13.26 3.25 -3.76
N TYR A 203 13.16 2.79 -2.49
CA TYR A 203 12.63 1.47 -2.18
C TYR A 203 11.78 1.63 -0.90
N TYR A 204 10.73 0.84 -0.83
CA TYR A 204 10.04 0.67 0.48
C TYR A 204 9.31 -0.67 0.44
N ASP A 205 9.07 -1.22 1.64
CA ASP A 205 8.16 -2.37 1.81
C ASP A 205 7.49 -2.15 3.14
N GLY A 206 6.17 -1.95 3.19
CA GLY A 206 5.48 -1.88 4.47
C GLY A 206 5.69 -0.62 5.27
N LEU A 207 6.29 0.42 4.74
CA LEU A 207 6.44 1.65 5.48
C LEU A 207 5.77 2.70 4.63
N GLN A 208 5.18 3.61 5.36
CA GLN A 208 4.47 4.74 4.72
C GLN A 208 5.12 6.09 5.24
N PRO A 209 5.21 7.13 4.41
CA PRO A 209 5.78 8.37 4.87
C PRO A 209 4.84 9.02 5.90
N ALA A 210 5.43 9.97 6.65
CA ALA A 210 4.58 10.76 7.56
C ALA A 210 3.56 11.59 6.79
N GLY A 211 2.52 11.94 7.56
CA GLY A 211 1.56 13.01 6.96
C GLY A 211 0.61 12.44 5.96
N SER A 212 0.36 13.29 4.94
CA SER A 212 -0.72 13.08 4.04
C SER A 212 -0.31 13.20 2.62
N LYS A 213 -1.04 12.46 1.75
CA LYS A 213 -0.70 12.48 0.31
C LYS A 213 -1.18 13.76 -0.36
N VAL A 214 -0.27 14.41 -1.05
CA VAL A 214 -0.58 15.70 -1.78
C VAL A 214 -0.99 15.43 -3.23
N LYS A 215 -0.26 14.59 -3.97
CA LYS A 215 -0.37 14.47 -5.44
C LYS A 215 0.64 13.44 -5.86
N GLU A 216 0.64 13.15 -7.14
CA GLU A 216 1.71 12.31 -7.76
C GLU A 216 2.45 13.16 -8.78
N ILE A 217 3.73 12.95 -8.87
CA ILE A 217 4.54 13.65 -9.93
C ILE A 217 5.27 12.58 -10.71
N VAL A 218 5.71 12.95 -11.92
CA VAL A 218 6.50 12.03 -12.73
C VAL A 218 7.88 12.70 -12.91
N VAL A 219 8.96 11.95 -12.66
CA VAL A 219 10.29 12.52 -12.74
C VAL A 219 11.14 11.58 -13.59
N PRO A 220 11.87 12.17 -14.56
CA PRO A 220 12.80 11.29 -15.33
C PRO A 220 14.00 10.88 -14.45
N ILE A 221 14.17 9.59 -14.28
CA ILE A 221 15.25 9.04 -13.50
C ILE A 221 15.97 7.97 -14.34
N ILE A 222 17.01 7.40 -13.80
CA ILE A 222 17.67 6.30 -14.59
C ILE A 222 17.66 5.09 -13.62
N VAL A 223 17.18 3.94 -14.07
CA VAL A 223 17.20 2.73 -13.24
C VAL A 223 18.00 1.63 -13.96
N ASN A 224 19.11 1.24 -13.38
CA ASN A 224 19.97 0.18 -13.95
C ASN A 224 20.23 0.50 -15.44
N GLY A 225 20.55 1.75 -15.68
CA GLY A 225 20.99 2.21 -17.03
C GLY A 225 19.82 2.64 -17.91
N THR A 226 18.58 2.37 -17.55
CA THR A 226 17.44 2.73 -18.41
C THR A 226 16.74 3.99 -17.97
N PRO A 227 16.64 5.02 -18.83
CA PRO A 227 15.82 6.21 -18.50
C PRO A 227 14.37 5.79 -18.32
N VAL A 228 13.75 6.25 -17.23
CA VAL A 228 12.41 5.77 -16.84
C VAL A 228 11.73 7.06 -16.38
N ASN A 229 10.53 7.27 -16.84
CA ASN A 229 9.72 8.38 -16.28
C ASN A 229 8.99 7.76 -15.10
N ALA A 230 9.44 8.06 -13.89
CA ALA A 230 8.96 7.32 -12.71
C ALA A 230 7.95 8.17 -11.96
N THR A 231 6.93 7.49 -11.43
CA THR A 231 5.87 8.24 -10.66
C THR A 231 6.26 8.21 -9.19
N PHE A 232 6.18 9.35 -8.57
CA PHE A 232 6.39 9.40 -7.13
C PHE A 232 5.12 9.98 -6.50
N GLU A 233 4.76 9.41 -5.38
CA GLU A 233 3.71 10.05 -4.50
C GLU A 233 4.39 11.10 -3.67
N VAL A 234 3.74 12.31 -3.56
CA VAL A 234 4.27 13.37 -2.76
C VAL A 234 3.44 13.43 -1.45
N TRP A 235 4.15 13.30 -0.34
CA TRP A 235 3.52 13.29 0.98
C TRP A 235 4.04 14.50 1.75
N LYS A 236 3.19 15.13 2.58
CA LYS A 236 3.58 16.31 3.34
C LYS A 236 3.02 16.20 4.80
N ALA A 237 3.90 16.51 5.75
CA ALA A 237 3.57 16.39 7.20
C ALA A 237 4.12 17.54 7.93
N ASN A 238 3.48 17.78 9.09
N ASN A 238 3.61 17.74 9.12
CA ASN A 238 3.99 18.61 10.20
CA ASN A 238 4.18 18.74 9.98
C ASN A 238 4.40 17.72 11.36
C ASN A 238 4.41 17.94 11.28
N ILE A 239 5.70 17.63 11.53
CA ILE A 239 6.16 16.76 12.60
C ILE A 239 7.13 17.48 13.58
N GLY A 240 6.91 18.78 13.75
CA GLY A 240 7.93 19.54 14.48
C GLY A 240 8.73 20.47 13.55
N TRP A 241 8.62 20.18 12.25
CA TRP A 241 9.18 20.95 11.12
C TRP A 241 8.38 20.46 9.94
N GLU A 242 8.56 21.06 8.76
CA GLU A 242 7.83 20.64 7.63
C GLU A 242 8.61 19.43 6.98
N TYR A 243 7.83 18.44 6.70
CA TYR A 243 8.36 17.17 6.04
C TYR A 243 7.72 16.96 4.70
N VAL A 244 8.51 16.72 3.64
CA VAL A 244 7.95 16.39 2.33
C VAL A 244 8.71 15.09 1.90
N ALA A 245 7.97 14.02 1.56
CA ALA A 245 8.62 12.77 1.07
C ALA A 245 8.06 12.51 -0.29
N PHE A 246 8.95 11.95 -1.16
CA PHE A 246 8.54 11.48 -2.52
C PHE A 246 8.76 10.02 -2.49
N ARG A 247 7.66 9.29 -2.49
CA ARG A 247 7.81 7.78 -2.39
C ARG A 247 7.55 7.20 -3.81
N ILE A 248 8.58 6.57 -4.35
CA ILE A 248 8.37 6.03 -5.72
C ILE A 248 7.28 5.00 -5.74
N LYS A 249 6.51 4.93 -6.86
CA LYS A 249 5.51 3.89 -6.94
C LYS A 249 5.94 2.49 -7.33
N THR A 250 7.12 2.44 -7.92
CA THR A 250 7.71 1.15 -8.31
C THR A 250 9.11 1.03 -7.63
N PRO A 251 9.10 0.48 -6.39
CA PRO A 251 10.34 0.47 -5.61
C PRO A 251 11.42 -0.45 -6.19
N ILE A 252 12.64 -0.08 -5.95
CA ILE A 252 13.84 -0.69 -6.61
C ILE A 252 14.67 -1.23 -5.44
N LYS A 253 14.69 -2.59 -5.33
CA LYS A 253 15.34 -3.24 -4.19
C LYS A 253 16.83 -3.35 -4.32
N GLU A 254 17.36 -3.31 -5.56
CA GLU A 254 18.78 -3.29 -5.74
C GLU A 254 19.07 -2.78 -7.17
N GLY A 255 20.25 -2.27 -7.33
CA GLY A 255 20.70 -1.73 -8.64
C GLY A 255 21.34 -0.40 -8.53
N THR A 256 21.28 0.37 -9.63
CA THR A 256 21.94 1.65 -9.63
C THR A 256 20.87 2.64 -10.08
N VAL A 257 20.56 3.66 -9.24
CA VAL A 257 19.46 4.57 -9.55
C VAL A 257 20.04 6.00 -9.54
N THR A 258 19.60 6.78 -10.54
CA THR A 258 20.09 8.18 -10.66
C THR A 258 18.88 9.10 -10.66
N ILE A 259 18.94 10.11 -9.82
CA ILE A 259 17.83 11.13 -9.80
C ILE A 259 18.40 12.49 -9.99
N PRO A 260 17.61 13.37 -10.63
CA PRO A 260 17.95 14.81 -10.71
C PRO A 260 17.43 15.47 -9.45
N TYR A 261 18.35 15.99 -8.64
CA TYR A 261 17.92 16.40 -7.26
C TYR A 261 16.93 17.56 -7.31
N GLY A 262 17.15 18.48 -8.25
CA GLY A 262 16.25 19.67 -8.28
C GLY A 262 14.81 19.35 -8.64
N ALA A 263 14.48 18.24 -9.30
CA ALA A 263 13.12 17.87 -9.64
C ALA A 263 12.36 17.78 -8.29
N PHE A 264 13.05 17.20 -7.30
CA PHE A 264 12.41 17.00 -6.01
C PHE A 264 12.48 18.27 -5.16
N ILE A 265 13.64 18.93 -5.07
CA ILE A 265 13.65 20.15 -4.23
C ILE A 265 12.73 21.23 -4.84
N SER A 266 12.58 21.28 -6.16
CA SER A 266 11.65 22.30 -6.73
C SER A 266 10.20 22.08 -6.30
N VAL A 267 9.76 20.80 -6.31
CA VAL A 267 8.44 20.47 -5.86
C VAL A 267 8.34 20.75 -4.37
N ALA A 268 9.34 20.33 -3.55
CA ALA A 268 9.23 20.59 -2.10
C ALA A 268 9.06 22.12 -1.83
N ALA A 269 9.81 22.95 -2.57
CA ALA A 269 9.72 24.45 -2.47
C ALA A 269 8.27 24.90 -2.85
N ASN A 270 7.79 24.37 -3.94
CA ASN A 270 6.52 24.78 -4.58
C ASN A 270 5.36 24.46 -3.63
N ILE A 271 5.43 23.31 -2.93
CA ILE A 271 4.31 22.96 -2.00
C ILE A 271 4.51 23.37 -0.57
N SER A 272 5.62 24.06 -0.22
CA SER A 272 5.98 24.38 1.15
C SER A 272 4.95 25.39 1.72
N SER A 273 4.69 25.23 3.01
CA SER A 273 4.02 26.28 3.83
C SER A 273 5.03 27.21 4.52
N LEU A 274 6.36 27.03 4.30
CA LEU A 274 7.34 27.75 5.09
C LEU A 274 7.50 29.17 4.50
N PRO A 275 7.78 30.13 5.40
CA PRO A 275 8.03 31.52 4.90
C PRO A 275 9.50 31.65 4.47
N ASN A 276 9.78 32.52 3.49
CA ASN A 276 11.18 32.84 3.08
C ASN A 276 11.99 31.54 2.79
N TYR A 277 11.41 30.67 1.94
CA TYR A 277 11.96 29.38 1.57
C TYR A 277 13.36 29.57 0.96
N THR A 278 13.52 30.60 0.13
CA THR A 278 14.86 30.81 -0.49
C THR A 278 15.96 31.20 0.51
N GLU A 279 15.66 31.58 1.78
CA GLU A 279 16.67 31.83 2.80
C GLU A 279 17.36 30.46 3.22
N LEU A 280 16.71 29.35 2.84
CA LEU A 280 17.13 28.06 3.46
C LEU A 280 18.38 27.51 2.76
N TYR A 281 19.18 26.85 3.63
CA TYR A 281 20.42 26.17 3.19
C TYR A 281 20.08 24.72 2.95
N LEU A 282 20.47 24.18 1.80
CA LEU A 282 20.35 22.73 1.64
C LEU A 282 21.61 22.18 2.38
N GLU A 283 21.40 21.49 3.50
CA GLU A 283 22.46 21.19 4.39
C GLU A 283 23.33 20.03 3.85
N ASP A 284 22.62 19.06 3.30
CA ASP A 284 23.30 17.73 3.10
C ASP A 284 22.47 16.82 2.21
N VAL A 285 23.04 15.64 1.87
CA VAL A 285 22.31 14.58 1.20
C VAL A 285 22.68 13.36 1.96
N GLU A 286 21.66 12.74 2.58
CA GLU A 286 21.89 11.52 3.42
C GLU A 286 21.20 10.37 2.72
N ILE A 287 21.84 9.16 2.84
CA ILE A 287 21.32 8.01 2.15
C ILE A 287 21.35 6.84 3.15
N GLY A 288 20.19 6.18 3.33
CA GLY A 288 20.18 5.13 4.35
C GLY A 288 18.85 4.45 4.31
N THR A 289 18.63 3.62 5.33
CA THR A 289 17.40 2.83 5.38
C THR A 289 16.64 3.14 6.63
N GLU A 290 15.51 3.83 6.60
CA GLU A 290 14.68 3.79 7.83
C GLU A 290 14.12 2.38 7.96
N PHE A 291 13.90 1.93 9.22
CA PHE A 291 13.31 0.61 9.32
C PHE A 291 12.48 0.48 10.61
N GLY A 292 11.51 -0.44 10.55
CA GLY A 292 10.68 -0.74 11.74
C GLY A 292 9.48 0.19 11.84
N THR A 293 8.46 -0.34 12.54
CA THR A 293 7.32 0.55 13.01
C THR A 293 7.12 0.13 14.48
N PRO A 294 6.11 0.71 15.14
CA PRO A 294 5.87 0.22 16.54
C PRO A 294 5.42 -1.23 16.59
N SER A 295 5.01 -1.86 15.52
CA SER A 295 4.64 -3.32 15.48
C SER A 295 5.93 -4.20 15.47
N THR A 296 7.13 -3.60 15.19
CA THR A 296 8.29 -4.35 14.94
C THR A 296 9.16 -4.42 16.25
N THR A 297 9.45 -5.69 16.64
CA THR A 297 10.36 -5.88 17.82
C THR A 297 11.66 -6.62 17.44
N SER A 298 11.76 -7.15 16.24
CA SER A 298 12.92 -7.84 15.73
C SER A 298 13.20 -7.17 14.35
N ALA A 299 14.42 -6.76 14.14
CA ALA A 299 14.77 -6.10 12.87
C ALA A 299 16.16 -6.58 12.44
N HIS A 300 16.09 -7.52 11.49
CA HIS A 300 17.27 -8.09 10.91
C HIS A 300 17.33 -7.63 9.49
N LEU A 301 18.47 -7.08 9.13
CA LEU A 301 18.60 -6.35 7.82
C LEU A 301 20.11 -6.42 7.42
N GLU A 302 20.38 -6.55 6.11
CA GLU A 302 21.73 -6.36 5.62
C GLU A 302 21.56 -5.55 4.30
N TRP A 303 22.56 -4.69 4.05
CA TRP A 303 22.64 -4.04 2.77
C TRP A 303 24.03 -3.65 2.39
N TRP A 304 24.18 -3.22 1.12
CA TRP A 304 25.43 -2.77 0.66
C TRP A 304 25.14 -1.53 -0.20
N ILE A 305 26.04 -0.59 -0.07
CA ILE A 305 26.09 0.55 -1.04
C ILE A 305 27.54 0.53 -1.59
N THR A 306 27.61 0.38 -2.90
CA THR A 306 28.94 0.27 -3.55
C THR A 306 29.40 1.52 -4.29
N ASN A 307 28.48 2.46 -4.57
CA ASN A 307 28.95 3.77 -5.07
C ASN A 307 27.90 4.84 -4.78
N ILE A 308 28.41 6.00 -4.42
CA ILE A 308 27.55 7.24 -4.43
C ILE A 308 28.31 8.28 -5.24
N THR A 309 27.64 8.91 -6.20
CA THR A 309 28.24 9.98 -6.99
C THR A 309 27.22 11.15 -7.05
N LEU A 310 27.77 12.34 -6.87
CA LEU A 310 27.00 13.57 -7.09
C LEU A 310 27.66 14.28 -8.30
N THR A 311 26.82 14.63 -9.27
CA THR A 311 27.33 15.12 -10.60
C THR A 311 26.68 16.46 -10.84
N PRO A 312 27.48 17.53 -10.85
CA PRO A 312 26.90 18.88 -11.03
C PRO A 312 26.36 19.05 -12.40
N LEU A 313 25.29 19.81 -12.51
CA LEU A 313 24.64 20.18 -13.80
C LEU A 313 24.66 21.67 -14.01
N ASP A 314 24.60 22.09 -15.27
CA ASP A 314 24.72 23.52 -15.55
C ASP A 314 23.32 24.17 -15.58
N ARG A 315 22.59 24.11 -14.49
CA ARG A 315 21.23 24.68 -14.41
C ARG A 315 20.96 24.86 -12.91
N PRO A 316 20.05 25.78 -12.56
CA PRO A 316 19.84 26.00 -11.15
C PRO A 316 19.16 24.76 -10.51
N LEU A 317 19.33 24.70 -9.20
CA LEU A 317 18.66 23.59 -8.44
C LEU A 317 17.17 23.75 -8.52
N ILE A 318 16.69 24.96 -8.22
CA ILE A 318 15.25 25.26 -8.16
C ILE A 318 14.87 25.92 -9.45
N SER A 319 13.96 25.28 -10.19
CA SER A 319 13.73 25.60 -11.61
C SER A 319 12.85 26.83 -11.78
N LYS B 50 -32.31 1.79 14.95
CA LYS B 50 -32.24 2.81 13.82
C LYS B 50 -31.05 2.65 12.81
N VAL B 51 -29.79 2.58 13.31
CA VAL B 51 -28.53 2.35 12.51
C VAL B 51 -27.65 1.20 13.06
N LEU B 52 -27.43 0.21 12.25
CA LEU B 52 -26.52 -0.87 12.60
C LEU B 52 -25.07 -0.41 12.26
N LYS B 53 -24.13 -0.59 13.19
CA LYS B 53 -22.75 -0.17 12.95
C LYS B 53 -21.81 -1.29 13.25
N ILE B 54 -20.88 -1.54 12.33
CA ILE B 54 -19.74 -2.41 12.65
C ILE B 54 -18.48 -1.57 12.44
N ARG B 55 -17.44 -1.81 13.22
CA ARG B 55 -16.17 -0.98 13.06
C ARG B 55 -14.94 -1.81 13.35
N TYR B 56 -13.93 -1.66 12.48
CA TYR B 56 -12.62 -2.12 12.75
C TYR B 56 -11.76 -0.92 13.14
N PRO B 57 -10.94 -1.07 14.16
CA PRO B 57 -10.59 -2.37 14.85
C PRO B 57 -11.43 -2.54 16.06
N ASP B 58 -12.38 -1.64 16.35
CA ASP B 58 -12.98 -1.61 17.66
C ASP B 58 -13.72 -2.89 17.99
N ASP B 59 -14.36 -3.48 17.00
CA ASP B 59 -15.18 -4.63 17.21
C ASP B 59 -14.37 -5.88 16.98
N GLY B 60 -13.07 -5.77 16.90
CA GLY B 60 -12.24 -6.95 16.67
C GLY B 60 -11.74 -7.16 15.27
N GLU B 61 -11.15 -8.34 15.04
CA GLU B 61 -10.45 -8.65 13.85
C GLU B 61 -11.40 -8.76 12.66
N TRP B 62 -12.65 -9.20 12.94
CA TRP B 62 -13.56 -9.60 11.90
C TRP B 62 -14.95 -9.03 12.18
N PRO B 63 -15.17 -7.68 12.13
CA PRO B 63 -16.54 -7.08 12.36
C PRO B 63 -17.48 -7.54 11.31
N GLY B 64 -18.71 -7.86 11.78
CA GLY B 64 -19.75 -8.30 10.89
C GLY B 64 -21.06 -8.33 11.63
N ALA B 65 -22.14 -8.31 10.87
CA ALA B 65 -23.51 -8.23 11.48
C ALA B 65 -24.57 -8.65 10.52
N PRO B 66 -25.71 -9.26 11.03
CA PRO B 66 -26.84 -9.59 10.17
C PRO B 66 -27.76 -8.38 9.99
N ILE B 67 -28.40 -8.19 8.84
CA ILE B 67 -29.46 -7.12 8.66
C ILE B 67 -30.73 -8.02 8.80
N ASP B 68 -31.50 -7.74 9.88
CA ASP B 68 -32.74 -8.46 10.30
C ASP B 68 -33.94 -7.48 10.30
N LYS B 69 -34.37 -6.96 9.15
CA LYS B 69 -35.55 -6.02 9.07
C LYS B 69 -36.86 -6.48 9.79
N ASP B 70 -37.34 -7.70 9.49
CA ASP B 70 -38.61 -8.13 10.09
C ASP B 70 -38.42 -8.65 11.53
N GLY B 71 -37.15 -8.65 11.99
CA GLY B 71 -36.78 -9.20 13.30
C GLY B 71 -37.26 -10.64 13.50
N ASP B 72 -37.24 -11.44 12.43
CA ASP B 72 -37.62 -12.85 12.43
C ASP B 72 -36.43 -13.76 12.83
N GLY B 73 -35.23 -13.17 12.87
CA GLY B 73 -34.04 -13.86 13.34
C GLY B 73 -33.19 -14.37 12.18
N ASN B 74 -33.82 -14.65 11.04
CA ASN B 74 -33.09 -15.06 9.83
C ASN B 74 -32.78 -13.88 8.88
N PRO B 75 -31.49 -13.48 8.78
CA PRO B 75 -31.10 -12.27 8.05
C PRO B 75 -31.45 -12.23 6.53
N GLU B 76 -31.92 -11.09 6.03
N GLU B 76 -31.96 -11.09 6.04
CA GLU B 76 -32.03 -10.91 4.60
CA GLU B 76 -32.04 -10.85 4.60
C GLU B 76 -30.69 -10.58 3.94
C GLU B 76 -30.63 -10.74 4.00
N PHE B 77 -29.72 -10.12 4.76
CA PHE B 77 -28.33 -9.85 4.31
C PHE B 77 -27.33 -9.96 5.47
N TYR B 78 -26.02 -10.05 5.18
CA TYR B 78 -25.09 -10.09 6.28
C TYR B 78 -23.93 -9.20 5.82
N ILE B 79 -23.40 -8.39 6.78
CA ILE B 79 -22.29 -7.45 6.41
C ILE B 79 -21.00 -7.72 7.16
N GLU B 80 -19.87 -7.51 6.49
CA GLU B 80 -18.58 -7.82 7.03
C GLU B 80 -17.60 -6.78 6.44
N ILE B 81 -16.69 -6.35 7.29
CA ILE B 81 -15.63 -5.44 6.89
C ILE B 81 -14.57 -6.22 6.16
N ASN B 82 -14.32 -7.43 6.68
CA ASN B 82 -13.59 -8.49 5.96
C ASN B 82 -12.20 -8.02 5.43
N LEU B 83 -11.42 -7.46 6.34
CA LEU B 83 -10.08 -7.09 6.03
C LEU B 83 -9.11 -8.33 6.13
N TRP B 84 -9.27 -9.23 5.13
CA TRP B 84 -8.79 -10.64 5.34
C TRP B 84 -7.30 -10.76 5.04
N ASN B 85 -6.74 -9.76 4.38
CA ASN B 85 -5.30 -9.80 4.14
C ASN B 85 -4.53 -8.71 4.81
N ILE B 86 -5.09 -8.02 5.80
CA ILE B 86 -4.30 -7.01 6.53
C ILE B 86 -3.72 -7.61 7.85
N LEU B 87 -2.38 -7.61 7.95
CA LEU B 87 -1.66 -8.03 9.17
C LEU B 87 -1.76 -6.94 10.24
N ASN B 88 -1.30 -5.72 9.86
N ASN B 88 -1.57 -5.67 9.90
CA ASN B 88 -1.43 -4.58 10.74
CA ASN B 88 -2.08 -4.68 10.82
C ASN B 88 -1.61 -3.26 9.98
C ASN B 88 -2.21 -3.46 9.97
N ALA B 89 -2.33 -2.32 10.65
CA ALA B 89 -2.76 -1.03 10.04
C ALA B 89 -3.10 -0.04 11.18
N THR B 90 -3.13 1.27 10.88
CA THR B 90 -3.72 2.18 11.78
C THR B 90 -4.99 2.71 11.08
N GLY B 91 -5.74 3.46 11.84
CA GLY B 91 -7.00 4.05 11.39
C GLY B 91 -8.16 3.14 11.68
N PHE B 92 -9.18 3.24 10.86
CA PHE B 92 -10.41 2.56 11.07
C PHE B 92 -11.17 2.29 9.78
N ALA B 93 -12.22 1.42 9.93
CA ALA B 93 -13.18 1.19 8.81
C ALA B 93 -14.48 1.03 9.55
N GLU B 94 -15.53 1.66 9.05
CA GLU B 94 -16.85 1.59 9.64
C GLU B 94 -17.94 1.35 8.60
N MET B 95 -18.88 0.39 8.88
CA MET B 95 -19.94 0.21 7.91
C MET B 95 -21.18 0.42 8.69
N THR B 96 -22.11 1.26 8.19
CA THR B 96 -23.35 1.48 8.88
C THR B 96 -24.50 1.07 7.96
N TYR B 97 -25.58 0.54 8.57
CA TYR B 97 -26.76 0.24 7.73
C TYR B 97 -27.89 0.97 8.40
N ASN B 98 -28.44 1.95 7.70
CA ASN B 98 -29.53 2.71 8.26
C ASN B 98 -30.88 1.96 7.95
N LEU B 99 -31.48 1.45 9.02
CA LEU B 99 -32.65 0.61 8.96
C LEU B 99 -33.82 1.48 8.53
N THR B 100 -33.80 2.76 8.85
CA THR B 100 -34.86 3.55 8.25
C THR B 100 -34.78 3.77 6.75
N SER B 101 -33.64 4.26 6.21
CA SER B 101 -33.46 4.71 4.81
C SER B 101 -33.09 3.59 3.84
N GLY B 102 -32.74 2.43 4.34
CA GLY B 102 -32.23 1.39 3.45
C GLY B 102 -30.74 1.46 3.04
N VAL B 103 -30.01 2.49 3.50
CA VAL B 103 -28.63 2.83 3.00
C VAL B 103 -27.46 2.13 3.77
N LEU B 104 -26.60 1.43 2.99
CA LEU B 104 -25.39 0.75 3.51
C LEU B 104 -24.28 1.79 3.14
N HIS B 105 -23.60 2.26 4.18
CA HIS B 105 -22.52 3.32 4.00
C HIS B 105 -21.25 2.77 4.52
N TYR B 106 -20.17 2.86 3.75
CA TYR B 106 -18.91 2.33 4.21
C TYR B 106 -17.94 3.49 4.16
N VAL B 107 -17.23 3.67 5.30
CA VAL B 107 -16.14 4.74 5.38
C VAL B 107 -14.89 4.01 5.90
N GLN B 108 -13.85 4.04 5.08
CA GLN B 108 -12.59 3.42 5.47
C GLN B 108 -11.47 4.41 5.37
N GLN B 109 -10.67 4.48 6.43
CA GLN B 109 -9.48 5.29 6.40
C GLN B 109 -8.40 4.46 7.13
N LEU B 110 -7.74 3.60 6.34
CA LEU B 110 -6.67 2.71 6.87
C LEU B 110 -5.36 3.19 6.35
N ASP B 111 -4.34 3.10 7.21
CA ASP B 111 -3.02 3.61 6.90
C ASP B 111 -1.93 2.63 7.39
N ASN B 112 -0.72 2.87 6.93
CA ASN B 112 0.42 1.99 7.41
C ASN B 112 0.10 0.54 7.33
N ILE B 113 -0.57 0.14 6.25
CA ILE B 113 -1.05 -1.26 6.14
C ILE B 113 0.13 -2.18 5.76
N VAL B 114 0.15 -3.29 6.46
CA VAL B 114 1.14 -4.36 6.18
C VAL B 114 0.27 -5.57 5.92
N LEU B 115 0.56 -6.29 4.82
CA LEU B 115 -0.30 -7.40 4.50
C LEU B 115 0.16 -8.73 5.17
N ARG B 116 -0.80 -9.60 5.44
N ARG B 116 -0.84 -9.55 5.48
CA ARG B 116 -0.43 -11.00 5.84
CA ARG B 116 -0.62 -10.98 5.92
C ARG B 116 0.36 -11.67 4.74
C ARG B 116 0.13 -11.83 4.88
N ASP B 117 -0.25 -11.76 3.58
CA ASP B 117 0.44 -12.53 2.54
C ASP B 117 0.38 -11.68 1.32
N ARG B 118 1.56 -11.13 0.93
CA ARG B 118 1.69 -10.24 -0.26
C ARG B 118 1.25 -10.95 -1.58
N SER B 119 1.35 -12.28 -1.63
CA SER B 119 0.92 -12.95 -2.87
C SER B 119 -0.59 -13.03 -3.03
N ASN B 120 -1.37 -12.87 -1.97
CA ASN B 120 -2.83 -12.68 -2.13
C ASN B 120 -3.29 -11.30 -2.69
N TRP B 121 -2.30 -10.39 -2.79
CA TRP B 121 -2.33 -9.15 -3.62
C TRP B 121 -3.24 -8.06 -2.99
N VAL B 122 -4.53 -8.34 -2.91
CA VAL B 122 -5.42 -7.38 -2.34
C VAL B 122 -5.45 -7.41 -0.83
N HIS B 123 -6.14 -6.40 -0.22
CA HIS B 123 -6.15 -6.24 1.24
C HIS B 123 -7.30 -6.81 1.97
N GLY B 124 -8.45 -6.83 1.30
CA GLY B 124 -9.68 -7.12 1.95
C GLY B 124 -10.84 -6.94 1.02
N TYR B 125 -12.05 -7.12 1.52
CA TYR B 125 -13.22 -7.14 0.68
C TYR B 125 -14.42 -6.82 1.53
N PRO B 126 -14.52 -5.58 2.02
CA PRO B 126 -15.70 -5.15 2.68
C PRO B 126 -16.96 -5.29 1.82
N GLU B 127 -18.03 -5.85 2.41
CA GLU B 127 -19.06 -6.52 1.53
C GLU B 127 -20.36 -6.67 2.29
N ILE B 128 -21.38 -6.92 1.45
CA ILE B 128 -22.68 -7.34 1.95
C ILE B 128 -22.99 -8.59 1.11
N PHE B 129 -23.59 -9.60 1.72
CA PHE B 129 -23.94 -10.75 0.89
C PHE B 129 -25.25 -11.40 1.24
N TYR B 130 -25.74 -12.21 0.28
CA TYR B 130 -26.94 -13.07 0.55
C TYR B 130 -26.51 -14.51 0.31
N GLY B 131 -27.01 -15.37 1.18
CA GLY B 131 -26.79 -16.81 1.11
C GLY B 131 -25.85 -17.29 2.18
N ASN B 132 -25.08 -18.30 1.87
CA ASN B 132 -24.30 -18.82 2.95
C ASN B 132 -22.87 -18.50 2.58
N LYS B 133 -22.12 -17.81 3.48
CA LYS B 133 -20.70 -17.52 3.21
C LYS B 133 -19.84 -18.72 3.72
N PRO B 134 -19.15 -19.40 2.77
CA PRO B 134 -18.42 -20.70 2.97
C PRO B 134 -17.29 -20.54 3.96
N TRP B 135 -16.90 -19.27 4.13
CA TRP B 135 -15.77 -18.96 4.97
C TRP B 135 -15.89 -18.85 6.48
N ASN B 136 -17.09 -18.62 7.05
CA ASN B 136 -17.29 -18.50 8.49
C ASN B 136 -18.74 -19.01 8.75
N ALA B 137 -19.16 -18.89 10.01
CA ALA B 137 -20.50 -19.36 10.42
C ALA B 137 -21.62 -18.32 10.11
N ASN B 138 -21.36 -17.43 9.14
CA ASN B 138 -22.34 -16.36 8.77
C ASN B 138 -23.22 -16.70 7.62
N TYR B 139 -24.46 -16.24 7.69
CA TYR B 139 -25.34 -16.52 6.60
C TYR B 139 -26.56 -15.58 6.58
N ALA B 140 -27.21 -15.49 5.41
CA ALA B 140 -28.49 -14.73 5.33
C ALA B 140 -29.34 -15.44 4.31
N THR B 141 -30.45 -16.05 4.74
CA THR B 141 -31.26 -16.76 3.74
C THR B 141 -32.72 -16.38 3.73
N ASP B 142 -33.01 -15.08 3.93
CA ASP B 142 -34.37 -14.61 3.87
C ASP B 142 -34.58 -13.77 2.63
N GLY B 143 -34.84 -14.43 1.49
CA GLY B 143 -34.82 -13.76 0.18
C GLY B 143 -35.55 -14.71 -0.77
N PRO B 144 -35.89 -14.21 -1.95
CA PRO B 144 -36.66 -15.00 -2.88
C PRO B 144 -35.78 -16.17 -3.38
N ILE B 145 -34.57 -15.90 -3.85
CA ILE B 145 -33.64 -16.99 -4.34
C ILE B 145 -33.18 -17.97 -3.23
N PRO B 146 -33.37 -19.29 -3.42
CA PRO B 146 -33.15 -20.27 -2.32
C PRO B 146 -31.68 -20.71 -2.10
N LEU B 147 -30.75 -19.80 -2.37
CA LEU B 147 -29.35 -20.04 -2.00
C LEU B 147 -29.31 -20.47 -0.56
N PRO B 148 -28.44 -21.46 -0.23
CA PRO B 148 -27.61 -22.27 -1.18
C PRO B 148 -28.34 -23.44 -1.99
N SER B 149 -28.40 -23.38 -3.34
CA SER B 149 -28.94 -24.53 -4.23
C SER B 149 -28.10 -24.94 -5.49
N LYS B 150 -28.30 -26.15 -6.07
CA LYS B 150 -27.35 -26.61 -7.07
C LYS B 150 -27.65 -25.89 -8.42
N VAL B 151 -26.65 -25.52 -9.18
CA VAL B 151 -26.87 -24.74 -10.42
C VAL B 151 -28.01 -25.45 -11.27
N SER B 152 -28.02 -26.79 -11.15
CA SER B 152 -28.93 -27.73 -11.87
C SER B 152 -30.40 -27.48 -11.49
N ASN B 153 -30.58 -27.05 -10.25
CA ASN B 153 -31.87 -26.76 -9.62
C ASN B 153 -32.35 -25.30 -9.63
N LEU B 154 -31.60 -24.39 -10.26
CA LEU B 154 -31.96 -22.97 -10.22
C LEU B 154 -32.37 -22.29 -11.55
N THR B 155 -33.43 -21.50 -11.32
CA THR B 155 -33.99 -20.37 -12.06
C THR B 155 -32.90 -19.21 -12.29
N ASP B 156 -32.81 -18.56 -13.47
CA ASP B 156 -31.97 -17.37 -13.62
C ASP B 156 -32.61 -16.21 -12.72
N PHE B 157 -31.90 -15.11 -12.48
CA PHE B 157 -32.45 -13.94 -11.68
C PHE B 157 -31.69 -12.69 -12.11
N TYR B 158 -32.34 -11.52 -12.13
CA TYR B 158 -31.63 -10.28 -12.24
C TYR B 158 -31.02 -9.94 -10.84
N LEU B 159 -29.82 -9.33 -10.82
CA LEU B 159 -29.23 -8.63 -9.62
C LEU B 159 -29.22 -7.21 -9.97
N THR B 160 -29.90 -6.42 -9.15
CA THR B 160 -29.93 -5.00 -9.41
C THR B 160 -29.19 -4.27 -8.22
N ILE B 161 -28.29 -3.35 -8.54
CA ILE B 161 -27.51 -2.67 -7.47
C ILE B 161 -27.54 -1.19 -7.77
N SER B 162 -27.98 -0.35 -6.77
CA SER B 162 -27.81 1.06 -6.90
C SER B 162 -26.68 1.47 -5.90
N TYR B 163 -25.71 2.20 -6.41
CA TYR B 163 -24.44 2.42 -5.59
C TYR B 163 -23.71 3.64 -6.00
N LYS B 164 -22.73 4.08 -5.15
CA LYS B 164 -21.98 5.21 -5.59
C LYS B 164 -20.59 4.84 -4.93
N LEU B 165 -19.56 4.84 -5.77
CA LEU B 165 -18.21 4.52 -5.22
C LEU B 165 -17.34 5.76 -5.16
N GLU B 166 -16.58 5.90 -4.03
CA GLU B 166 -15.67 7.04 -3.95
C GLU B 166 -14.28 6.53 -3.37
N PRO B 167 -13.52 5.81 -4.17
CA PRO B 167 -12.09 5.51 -3.75
C PRO B 167 -11.35 6.83 -3.70
N LYS B 168 -10.42 6.95 -2.77
CA LYS B 168 -9.71 8.24 -2.62
C LYS B 168 -8.25 8.00 -2.88
N ASN B 169 -7.56 9.08 -3.26
CA ASN B 169 -6.08 9.09 -3.41
C ASN B 169 -5.51 8.00 -4.36
N GLY B 170 -6.29 7.58 -5.36
CA GLY B 170 -5.84 6.57 -6.39
C GLY B 170 -5.89 5.16 -5.89
N LEU B 171 -6.60 4.86 -4.83
CA LEU B 171 -6.64 3.47 -4.33
C LEU B 171 -7.11 2.50 -5.45
N PRO B 172 -6.31 1.44 -5.72
CA PRO B 172 -6.80 0.44 -6.67
C PRO B 172 -8.04 -0.30 -6.00
N ILE B 173 -9.15 -0.42 -6.74
CA ILE B 173 -10.29 -1.05 -6.19
C ILE B 173 -11.09 -1.74 -7.29
N ASN B 174 -11.97 -2.58 -6.81
CA ASN B 174 -13.05 -3.01 -7.72
C ASN B 174 -14.36 -2.92 -6.99
N PHE B 175 -15.46 -3.11 -7.72
CA PHE B 175 -16.76 -3.33 -7.15
C PHE B 175 -17.16 -4.66 -7.84
N ALA B 176 -17.08 -5.71 -7.06
CA ALA B 176 -17.17 -7.13 -7.50
C ALA B 176 -18.31 -7.85 -6.81
N ILE B 177 -19.16 -8.50 -7.61
CA ILE B 177 -20.12 -9.48 -7.08
C ILE B 177 -19.43 -10.85 -7.18
N GLU B 178 -19.53 -11.65 -6.12
CA GLU B 178 -18.87 -12.96 -5.90
C GLU B 178 -19.82 -14.09 -5.54
N SER B 179 -19.64 -15.29 -6.12
CA SER B 179 -20.35 -16.49 -5.61
C SER B 179 -19.32 -17.57 -5.49
N TRP B 180 -19.42 -18.38 -4.45
CA TRP B 180 -18.70 -19.68 -4.35
C TRP B 180 -19.63 -20.90 -4.66
N LEU B 181 -18.99 -22.09 -4.69
CA LEU B 181 -19.60 -23.39 -5.08
C LEU B 181 -18.92 -24.53 -4.24
N THR B 182 -19.65 -25.13 -3.31
CA THR B 182 -18.97 -26.04 -2.44
C THR B 182 -19.63 -27.40 -2.66
N ARG B 183 -19.01 -28.40 -2.05
CA ARG B 183 -19.53 -29.75 -2.02
C ARG B 183 -20.74 -29.74 -1.05
N GLU B 184 -20.51 -29.31 0.21
CA GLU B 184 -21.59 -29.04 1.19
C GLU B 184 -22.63 -28.03 0.66
N ALA B 185 -23.72 -27.85 1.42
CA ALA B 185 -24.66 -26.75 1.17
C ALA B 185 -24.29 -25.60 2.11
N TRP B 186 -23.86 -25.98 3.31
CA TRP B 186 -23.59 -25.14 4.45
C TRP B 186 -22.12 -25.25 4.84
N ARG B 187 -21.22 -25.14 3.85
CA ARG B 187 -19.80 -24.95 4.20
C ARG B 187 -19.64 -23.70 5.12
N THR B 188 -18.72 -23.78 6.12
CA THR B 188 -18.28 -22.67 6.96
C THR B 188 -16.75 -22.60 7.26
N THR B 189 -15.93 -23.51 6.73
CA THR B 189 -14.52 -23.57 7.15
C THR B 189 -13.57 -23.39 5.95
N GLY B 190 -14.12 -23.16 4.75
CA GLY B 190 -13.33 -22.75 3.55
C GLY B 190 -13.71 -23.30 2.19
N ILE B 191 -12.72 -23.48 1.30
CA ILE B 191 -12.95 -23.90 -0.04
C ILE B 191 -11.86 -24.96 -0.43
N ASN B 192 -12.28 -26.07 -1.02
CA ASN B 192 -11.29 -27.11 -1.43
C ASN B 192 -11.08 -26.94 -2.91
N SER B 193 -10.18 -27.73 -3.50
CA SER B 193 -9.75 -27.50 -4.87
C SER B 193 -10.70 -28.03 -5.97
N ASP B 194 -11.69 -28.85 -5.58
CA ASP B 194 -12.77 -29.28 -6.51
C ASP B 194 -13.93 -28.26 -6.53
N GLU B 195 -13.80 -27.21 -5.72
CA GLU B 195 -14.83 -26.13 -5.55
C GLU B 195 -14.56 -24.86 -6.50
N GLN B 196 -15.52 -23.96 -6.74
CA GLN B 196 -15.27 -22.87 -7.77
C GLN B 196 -15.53 -21.45 -7.15
N GLU B 197 -14.94 -20.42 -7.76
CA GLU B 197 -15.20 -18.93 -7.42
C GLU B 197 -15.53 -18.16 -8.68
N VAL B 198 -16.72 -17.49 -8.70
CA VAL B 198 -17.11 -16.52 -9.72
C VAL B 198 -17.15 -15.08 -9.14
N MET B 199 -16.50 -14.19 -9.88
CA MET B 199 -16.50 -12.72 -9.68
C MET B 199 -17.05 -12.04 -10.89
N ILE B 200 -17.89 -11.02 -10.68
CA ILE B 200 -18.32 -10.09 -11.71
C ILE B 200 -17.98 -8.63 -11.35
N TRP B 201 -17.00 -8.05 -12.04
CA TRP B 201 -16.61 -6.67 -11.78
C TRP B 201 -17.32 -5.68 -12.63
N ILE B 202 -18.14 -4.82 -12.00
CA ILE B 202 -18.81 -3.78 -12.72
C ILE B 202 -18.14 -2.41 -12.56
N TYR B 203 -17.14 -2.32 -11.61
CA TYR B 203 -16.26 -1.20 -11.61
C TYR B 203 -14.83 -1.77 -11.28
N TYR B 204 -13.83 -1.10 -11.80
CA TYR B 204 -12.47 -1.38 -11.32
C TYR B 204 -11.62 -0.23 -11.74
N ASP B 205 -10.55 -0.03 -10.96
CA ASP B 205 -9.53 0.94 -11.28
C ASP B 205 -8.25 0.39 -10.64
N GLY B 206 -7.30 -0.01 -11.47
CA GLY B 206 -5.97 -0.37 -10.93
C GLY B 206 -5.87 -1.82 -10.47
N LEU B 207 -6.88 -2.63 -10.72
CA LEU B 207 -6.80 -4.03 -10.44
C LEU B 207 -7.16 -4.87 -11.63
N GLN B 208 -6.48 -6.03 -11.73
CA GLN B 208 -6.85 -7.11 -12.68
C GLN B 208 -7.12 -8.44 -11.99
N PRO B 209 -7.98 -9.31 -12.59
CA PRO B 209 -8.29 -10.54 -11.87
C PRO B 209 -7.08 -11.45 -11.84
N ALA B 210 -7.13 -12.42 -10.94
CA ALA B 210 -6.11 -13.52 -10.90
C ALA B 210 -6.12 -14.33 -12.20
N GLY B 211 -4.97 -14.97 -12.51
CA GLY B 211 -4.87 -15.92 -13.67
C GLY B 211 -4.81 -15.13 -14.96
N SER B 212 -5.44 -15.65 -16.02
CA SER B 212 -5.30 -15.17 -17.39
C SER B 212 -6.64 -14.99 -18.00
N LYS B 213 -6.68 -14.10 -18.98
CA LYS B 213 -7.85 -13.93 -19.76
C LYS B 213 -8.00 -15.07 -20.78
N VAL B 214 -9.24 -15.47 -20.99
CA VAL B 214 -9.60 -16.78 -21.54
C VAL B 214 -10.58 -16.49 -22.70
N LYS B 215 -11.60 -15.66 -22.46
CA LYS B 215 -12.45 -15.15 -23.53
C LYS B 215 -13.15 -13.84 -23.16
N GLU B 216 -14.11 -13.46 -23.99
CA GLU B 216 -14.92 -12.30 -23.77
C GLU B 216 -16.35 -12.65 -24.18
N ILE B 217 -17.29 -12.06 -23.46
CA ILE B 217 -18.69 -12.32 -23.67
C ILE B 217 -19.38 -10.96 -23.72
N VAL B 218 -20.57 -10.91 -24.36
CA VAL B 218 -21.45 -9.72 -24.39
C VAL B 218 -22.64 -10.15 -23.56
N VAL B 219 -22.97 -9.32 -22.58
CA VAL B 219 -24.08 -9.61 -21.68
C VAL B 219 -24.98 -8.35 -21.73
N PRO B 220 -26.27 -8.55 -22.10
CA PRO B 220 -27.24 -7.45 -22.07
C PRO B 220 -27.45 -7.05 -20.63
N ILE B 221 -27.21 -5.77 -20.31
CA ILE B 221 -27.41 -5.35 -18.90
C ILE B 221 -28.18 -4.05 -19.02
N ILE B 222 -28.44 -3.41 -17.89
CA ILE B 222 -29.15 -2.15 -17.92
C ILE B 222 -28.46 -1.06 -17.06
N VAL B 223 -28.14 0.10 -17.65
CA VAL B 223 -27.37 1.16 -16.91
C VAL B 223 -28.23 2.41 -16.83
N ASN B 224 -28.69 2.71 -15.60
CA ASN B 224 -29.49 3.93 -15.33
C ASN B 224 -30.70 3.92 -16.29
N GLY B 225 -31.21 2.71 -16.49
CA GLY B 225 -32.44 2.48 -17.30
C GLY B 225 -32.20 2.33 -18.79
N THR B 226 -30.99 2.63 -19.22
CA THR B 226 -30.60 2.46 -20.62
C THR B 226 -30.12 1.04 -20.83
N PRO B 227 -30.81 0.23 -21.70
CA PRO B 227 -30.24 -1.12 -21.96
C PRO B 227 -28.93 -0.99 -22.72
N VAL B 228 -27.96 -1.82 -22.34
CA VAL B 228 -26.63 -1.74 -22.90
C VAL B 228 -26.18 -3.17 -23.19
N ASN B 229 -25.59 -3.38 -24.36
CA ASN B 229 -24.92 -4.67 -24.59
C ASN B 229 -23.47 -4.46 -24.20
N ALA B 230 -23.20 -4.84 -22.96
CA ALA B 230 -21.88 -4.69 -22.32
C ALA B 230 -20.97 -5.90 -22.50
N THR B 231 -19.73 -5.63 -22.95
CA THR B 231 -18.67 -6.64 -23.04
C THR B 231 -17.96 -6.82 -21.70
N PHE B 232 -17.73 -8.09 -21.32
CA PHE B 232 -17.04 -8.60 -20.08
C PHE B 232 -15.90 -9.52 -20.44
N GLU B 233 -14.71 -9.31 -19.83
CA GLU B 233 -13.56 -10.22 -19.93
C GLU B 233 -13.72 -11.42 -19.03
N VAL B 234 -13.34 -12.63 -19.50
CA VAL B 234 -13.46 -13.81 -18.69
C VAL B 234 -12.07 -14.22 -18.32
N TRP B 235 -11.86 -14.47 -17.01
CA TRP B 235 -10.55 -14.82 -16.46
C TRP B 235 -10.61 -16.08 -15.72
N LYS B 236 -9.55 -16.91 -15.85
CA LYS B 236 -9.51 -18.15 -15.08
C LYS B 236 -8.20 -18.32 -14.36
N ALA B 237 -8.27 -18.94 -13.18
CA ALA B 237 -7.13 -19.12 -12.35
C ALA B 237 -7.28 -20.28 -11.46
N ASN B 238 -6.15 -20.87 -11.09
CA ASN B 238 -6.16 -21.80 -10.00
C ASN B 238 -5.35 -21.25 -8.89
N ILE B 239 -6.03 -21.01 -7.80
CA ILE B 239 -5.46 -20.38 -6.62
C ILE B 239 -5.80 -21.22 -5.40
N GLY B 240 -5.92 -22.55 -5.60
CA GLY B 240 -6.27 -23.52 -4.55
C GLY B 240 -7.72 -24.01 -4.67
N TRP B 241 -8.42 -23.36 -5.54
CA TRP B 241 -9.74 -23.77 -6.01
C TRP B 241 -9.74 -23.12 -7.34
N GLU B 242 -10.78 -23.35 -8.12
CA GLU B 242 -10.79 -22.81 -9.46
C GLU B 242 -11.49 -21.41 -9.45
N TYR B 243 -10.92 -20.47 -10.22
CA TYR B 243 -11.34 -19.07 -10.15
C TYR B 243 -11.71 -18.51 -11.51
N VAL B 244 -12.97 -18.08 -11.63
CA VAL B 244 -13.38 -17.35 -12.81
C VAL B 244 -14.00 -15.95 -12.49
N ALA B 245 -13.49 -14.93 -13.16
CA ALA B 245 -13.93 -13.55 -12.94
C ALA B 245 -14.31 -12.96 -14.27
N PHE B 246 -15.46 -12.24 -14.35
CA PHE B 246 -15.85 -11.43 -15.51
C PHE B 246 -15.71 -9.93 -15.28
N ARG B 247 -14.88 -9.28 -16.10
CA ARG B 247 -14.58 -7.88 -15.92
C ARG B 247 -15.16 -6.97 -16.98
N ILE B 248 -16.16 -6.16 -16.59
CA ILE B 248 -16.77 -5.24 -17.54
C ILE B 248 -15.71 -4.40 -18.22
N LYS B 249 -15.93 -4.10 -19.50
CA LYS B 249 -14.97 -3.35 -20.27
C LYS B 249 -15.05 -1.89 -19.95
N THR B 250 -16.25 -1.39 -19.65
CA THR B 250 -16.50 0.05 -19.41
C THR B 250 -17.01 0.13 -17.94
N PRO B 251 -16.11 0.51 -17.01
CA PRO B 251 -16.60 0.42 -15.59
C PRO B 251 -17.63 1.50 -15.27
N ILE B 252 -18.43 1.21 -14.27
CA ILE B 252 -19.49 2.14 -13.90
C ILE B 252 -19.22 2.52 -12.41
N LYS B 253 -18.91 3.79 -12.21
CA LYS B 253 -18.49 4.24 -10.83
C LYS B 253 -19.67 4.48 -9.91
N GLU B 254 -20.86 4.71 -10.51
CA GLU B 254 -22.04 4.93 -9.72
C GLU B 254 -23.22 4.80 -10.67
N GLY B 255 -24.35 4.52 -10.10
CA GLY B 255 -25.64 4.63 -10.80
C GLY B 255 -26.44 3.44 -10.36
N THR B 256 -27.35 2.97 -11.24
CA THR B 256 -28.08 1.73 -10.96
C THR B 256 -27.82 0.75 -12.11
N VAL B 257 -27.39 -0.45 -11.75
CA VAL B 257 -26.96 -1.41 -12.74
C VAL B 257 -27.73 -2.76 -12.55
N THR B 258 -28.35 -3.22 -13.66
CA THR B 258 -28.99 -4.54 -13.64
C THR B 258 -28.31 -5.52 -14.56
N ILE B 259 -28.10 -6.70 -14.05
CA ILE B 259 -27.34 -7.77 -14.76
C ILE B 259 -28.09 -9.14 -14.60
N PRO B 260 -28.09 -9.98 -15.68
CA PRO B 260 -28.65 -11.32 -15.46
C PRO B 260 -27.69 -12.34 -15.07
N TYR B 261 -27.97 -13.08 -14.01
CA TYR B 261 -26.90 -13.79 -13.35
C TYR B 261 -26.42 -15.01 -14.15
N GLY B 262 -27.37 -15.67 -14.82
CA GLY B 262 -26.97 -16.88 -15.57
C GLY B 262 -26.10 -16.59 -16.73
N ALA B 263 -26.11 -15.35 -17.30
CA ALA B 263 -25.25 -15.01 -18.38
C ALA B 263 -23.78 -15.34 -17.94
N PHE B 264 -23.49 -15.00 -16.66
CA PHE B 264 -22.17 -15.23 -16.02
C PHE B 264 -22.04 -16.67 -15.60
N ILE B 265 -22.97 -17.20 -14.85
CA ILE B 265 -22.82 -18.60 -14.30
C ILE B 265 -22.85 -19.71 -15.42
N SER B 266 -23.58 -19.44 -16.51
CA SER B 266 -23.53 -20.29 -17.72
C SER B 266 -22.07 -20.61 -18.09
N VAL B 267 -21.32 -19.54 -18.40
CA VAL B 267 -19.88 -19.58 -18.65
C VAL B 267 -19.04 -20.24 -17.54
N ALA B 268 -19.16 -19.72 -16.31
CA ALA B 268 -18.39 -20.30 -15.22
C ALA B 268 -18.47 -21.83 -15.22
N ALA B 269 -19.71 -22.33 -15.21
CA ALA B 269 -20.01 -23.77 -15.27
C ALA B 269 -19.29 -24.42 -16.45
N ASN B 270 -19.47 -23.80 -17.59
CA ASN B 270 -18.94 -24.32 -18.81
C ASN B 270 -17.43 -24.48 -18.79
N ILE B 271 -16.69 -23.48 -18.28
CA ILE B 271 -15.23 -23.58 -18.45
C ILE B 271 -14.53 -24.20 -17.29
N SER B 272 -15.31 -24.76 -16.34
CA SER B 272 -14.75 -25.45 -15.18
C SER B 272 -14.10 -26.72 -15.70
N SER B 273 -13.03 -27.08 -15.00
CA SER B 273 -12.25 -28.24 -15.24
C SER B 273 -12.71 -29.13 -14.11
N LEU B 274 -13.67 -28.62 -13.33
CA LEU B 274 -14.18 -29.37 -12.19
C LEU B 274 -15.11 -30.46 -12.68
N PRO B 275 -15.15 -31.58 -11.94
CA PRO B 275 -16.12 -32.62 -12.24
C PRO B 275 -17.38 -32.51 -11.36
N ASN B 276 -18.50 -33.02 -11.90
CA ASN B 276 -19.78 -33.07 -11.19
C ASN B 276 -20.10 -31.62 -10.81
N TYR B 277 -20.17 -30.81 -11.85
CA TYR B 277 -20.37 -29.40 -11.64
C TYR B 277 -21.82 -29.06 -11.31
N THR B 278 -22.80 -29.63 -12.03
CA THR B 278 -24.18 -29.17 -11.81
C THR B 278 -24.66 -29.69 -10.45
N GLU B 279 -23.72 -30.35 -9.77
CA GLU B 279 -23.86 -30.82 -8.38
C GLU B 279 -23.32 -29.80 -7.40
N LEU B 280 -22.62 -28.78 -7.94
CA LEU B 280 -22.20 -27.61 -7.15
C LEU B 280 -23.40 -26.70 -6.83
N TYR B 281 -23.57 -26.64 -5.51
CA TYR B 281 -24.30 -25.63 -4.70
C TYR B 281 -23.77 -24.18 -4.77
N LEU B 282 -24.51 -23.29 -5.48
CA LEU B 282 -24.34 -21.79 -5.50
C LEU B 282 -24.63 -21.32 -4.11
N GLU B 283 -23.58 -20.85 -3.43
CA GLU B 283 -23.58 -20.67 -1.99
C GLU B 283 -24.22 -19.33 -1.64
N ASP B 284 -23.84 -18.31 -2.44
CA ASP B 284 -24.13 -16.88 -2.16
C ASP B 284 -23.99 -15.95 -3.33
N VAL B 285 -24.45 -14.69 -3.11
CA VAL B 285 -24.12 -13.56 -3.95
C VAL B 285 -23.52 -12.50 -3.02
N GLU B 286 -22.21 -12.27 -3.17
CA GLU B 286 -21.48 -11.32 -2.28
C GLU B 286 -21.21 -10.05 -3.11
N ILE B 287 -21.31 -8.85 -2.47
CA ILE B 287 -21.17 -7.64 -3.21
C ILE B 287 -20.30 -6.73 -2.36
N GLY B 288 -19.17 -6.39 -2.92
CA GLY B 288 -18.17 -5.62 -2.02
C GLY B 288 -17.08 -5.04 -2.89
N THR B 289 -16.12 -4.35 -2.23
CA THR B 289 -15.01 -3.82 -3.01
C THR B 289 -13.74 -4.44 -2.54
N GLU B 290 -13.10 -5.20 -3.38
CA GLU B 290 -11.74 -5.52 -3.12
C GLU B 290 -10.94 -4.20 -3.24
N PHE B 291 -9.84 -4.08 -2.45
CA PHE B 291 -9.02 -2.87 -2.55
C PHE B 291 -7.55 -3.23 -2.23
N GLY B 292 -6.65 -2.41 -2.74
CA GLY B 292 -5.18 -2.35 -2.42
C GLY B 292 -4.37 -3.38 -3.19
N THR B 293 -3.08 -3.23 -3.14
CA THR B 293 -2.12 -4.11 -3.80
C THR B 293 -0.99 -4.24 -2.83
N PRO B 294 0.05 -5.05 -3.17
CA PRO B 294 1.15 -5.09 -2.22
C PRO B 294 1.93 -3.84 -1.98
N SER B 295 1.92 -2.88 -2.90
CA SER B 295 2.68 -1.69 -2.62
C SER B 295 1.78 -0.59 -1.96
N THR B 296 0.52 -0.92 -1.80
CA THR B 296 -0.42 0.08 -1.18
C THR B 296 -0.27 0.03 0.34
N THR B 297 0.01 1.14 0.98
CA THR B 297 0.03 1.17 2.45
C THR B 297 -1.14 2.02 3.06
N SER B 298 -1.75 2.88 2.16
CA SER B 298 -2.82 3.79 2.63
C SER B 298 -4.06 3.40 1.79
N ALA B 299 -5.18 3.17 2.48
CA ALA B 299 -6.39 2.78 1.75
C ALA B 299 -7.60 3.53 2.31
N HIS B 300 -7.95 4.64 1.61
CA HIS B 300 -9.06 5.46 2.03
C HIS B 300 -10.17 5.31 0.97
N LEU B 301 -11.37 4.99 1.45
CA LEU B 301 -12.48 4.54 0.53
C LEU B 301 -13.76 4.88 1.13
N GLU B 302 -14.72 5.43 0.33
CA GLU B 302 -16.03 5.59 0.90
C GLU B 302 -16.98 5.03 -0.15
N TRP B 303 -18.06 4.40 0.31
CA TRP B 303 -19.09 4.01 -0.70
C TRP B 303 -20.47 3.87 -0.12
N TRP B 304 -21.51 3.82 -0.99
CA TRP B 304 -22.81 3.63 -0.52
C TRP B 304 -23.40 2.56 -1.46
N ILE B 305 -24.11 1.67 -0.83
CA ILE B 305 -25.14 0.83 -1.60
C ILE B 305 -26.54 1.18 -1.03
N THR B 306 -27.40 1.70 -1.91
CA THR B 306 -28.79 2.09 -1.55
C THR B 306 -29.85 1.04 -1.92
N ASN B 307 -29.50 0.04 -2.78
CA ASN B 307 -30.47 -1.01 -3.10
C ASN B 307 -29.80 -2.26 -3.62
N ILE B 308 -30.14 -3.41 -3.00
CA ILE B 308 -29.85 -4.78 -3.51
C ILE B 308 -31.17 -5.52 -3.77
N THR B 309 -31.47 -5.76 -5.06
CA THR B 309 -32.63 -6.62 -5.45
C THR B 309 -32.18 -7.81 -6.26
N LEU B 310 -32.65 -8.96 -5.78
CA LEU B 310 -32.62 -10.23 -6.43
C LEU B 310 -34.01 -10.67 -7.00
N THR B 311 -34.16 -10.64 -8.34
CA THR B 311 -35.45 -10.87 -9.00
C THR B 311 -35.41 -12.18 -9.80
N PRO B 312 -36.13 -13.22 -9.30
CA PRO B 312 -36.29 -14.50 -10.05
C PRO B 312 -36.80 -14.32 -11.49
N LEU B 313 -36.18 -15.07 -12.39
CA LEU B 313 -36.62 -15.07 -13.78
C LEU B 313 -37.14 -16.50 -14.09
N ASP B 314 -37.99 -16.64 -15.10
CA ASP B 314 -38.67 -17.93 -15.40
C ASP B 314 -37.96 -18.59 -16.56
N ARG B 315 -36.68 -18.83 -16.32
CA ARG B 315 -35.80 -19.42 -17.31
C ARG B 315 -34.67 -20.07 -16.54
N PRO B 316 -33.95 -21.01 -17.24
CA PRO B 316 -32.88 -21.72 -16.49
C PRO B 316 -31.71 -20.76 -16.08
N LEU B 317 -31.13 -21.06 -14.94
CA LEU B 317 -29.87 -20.33 -14.55
C LEU B 317 -28.80 -20.59 -15.62
N ILE B 318 -28.59 -21.89 -15.91
CA ILE B 318 -27.67 -22.32 -17.01
C ILE B 318 -28.28 -22.53 -18.41
N SER B 319 -27.65 -22.03 -19.47
CA SER B 319 -28.16 -22.26 -20.82
C SER B 319 -27.09 -21.93 -21.84
CA CA C . 39.20 14.46 2.52
CA CA D . 13.58 -8.60 10.69
C1 GOL E . 27.49 -7.77 -4.01
O1 GOL E . 26.84 -8.66 -3.09
C2 GOL E . 27.36 -6.41 -3.35
O2 GOL E . 26.38 -5.60 -4.07
C3 GOL E . 28.70 -5.72 -3.42
O3 GOL E . 29.66 -6.24 -2.47
C1 GOL F . 31.25 6.29 -3.17
O1 GOL F . 32.50 6.96 -3.42
C2 GOL F . 31.21 5.61 -1.81
O2 GOL F . 32.43 4.85 -1.71
C3 GOL F . 30.07 4.60 -1.83
O3 GOL F . 30.18 3.42 -0.95
C1 GOL G . 7.85 0.53 23.35
O1 GOL G . 8.67 0.25 22.20
C2 GOL G . 6.45 0.18 22.87
O2 GOL G . 5.67 1.34 23.21
C3 GOL G . 6.37 0.48 21.36
O3 GOL G . 5.86 -0.67 20.65
C1 GOL H . 16.86 23.89 18.45
O1 GOL H . 16.47 22.59 17.99
C2 GOL H . 17.59 24.61 17.32
O2 GOL H . 18.93 24.22 17.37
C3 GOL H . 17.63 26.12 17.55
O3 GOL H . 18.48 26.72 16.55
C1 GOL I . 6.14 -4.39 -3.59
O1 GOL I . 6.30 -5.63 -2.92
C2 GOL I . 6.77 -3.40 -2.65
O2 GOL I . 8.09 -3.69 -2.12
C3 GOL I . 5.84 -3.36 -1.48
O3 GOL I . 6.09 -2.00 -1.25
C1 GOL J . 9.65 18.08 -10.72
O1 GOL J . 10.11 19.47 -10.49
C2 GOL J . 8.89 17.66 -11.97
O2 GOL J . 9.72 16.64 -12.63
C3 GOL J . 7.61 16.94 -11.58
O3 GOL J . 6.45 17.79 -11.50
C1 GOL K . 18.90 12.28 -17.82
O1 GOL K . 18.95 11.46 -18.97
C2 GOL K . 17.84 11.57 -17.04
O2 GOL K . 16.58 11.94 -17.59
C3 GOL K . 17.95 11.89 -15.54
O3 GOL K . 16.93 12.78 -15.01
C1 GOL L . 24.21 -1.92 -11.35
O1 GOL L . 24.05 -1.93 -9.90
C2 GOL L . 22.88 -1.80 -12.14
O2 GOL L . 22.96 -1.20 -13.52
C3 GOL L . 22.25 -3.19 -12.16
O3 GOL L . 22.76 -4.02 -11.10
C1 GOL M . 25.90 -3.14 -6.58
O1 GOL M . 25.47 -2.73 -5.26
C2 GOL M . 24.76 -3.83 -7.34
O2 GOL M . 23.77 -2.85 -7.39
C3 GOL M . 24.11 -5.02 -6.60
O3 GOL M . 22.81 -5.24 -7.17
C1 GOL N . 15.60 9.57 9.70
O1 GOL N . 14.76 8.50 10.10
C2 GOL N . 14.87 10.90 9.51
O2 GOL N . 14.34 10.33 8.34
C3 GOL N . 13.47 11.23 10.14
O3 GOL N . 12.51 11.28 9.00
C1 GOL O . 9.18 9.75 9.28
O1 GOL O . 10.40 9.89 10.02
C2 GOL O . 9.18 8.47 8.44
O2 GOL O . 9.79 8.75 7.23
C3 GOL O . 7.79 8.23 7.97
O3 GOL O . 7.59 6.92 8.27
C1 GOL P . 18.57 11.89 12.68
C1 GOL P . 16.80 11.85 12.66
O1 GOL P . 18.70 11.06 11.53
O1 GOL P . 16.20 12.70 13.62
C2 GOL P . 19.13 11.40 14.02
C2 GOL P . 18.27 12.21 12.51
O2 GOL P . 20.58 11.32 14.07
O2 GOL P . 18.88 11.23 11.62
C3 GOL P . 18.63 12.51 14.94
C3 GOL P . 18.98 12.28 13.88
O3 GOL P . 18.86 12.15 16.32
O3 GOL P . 20.27 11.66 13.89
C1 GOL Q . 24.07 12.30 17.50
O1 GOL Q . 24.44 11.58 16.32
C2 GOL Q . 22.62 12.38 17.16
O2 GOL Q . 22.57 12.54 15.73
C3 GOL Q . 21.95 13.60 17.77
O3 GOL Q . 20.67 13.43 17.11
C1 GOL R . -0.86 3.63 -2.46
O1 GOL R . 0.52 3.76 -2.96
C2 GOL R . -0.42 4.53 -1.51
O2 GOL R . -0.30 3.66 -0.39
C3 GOL R . -1.47 5.48 -1.14
O3 GOL R . -0.97 6.70 -1.19
CA CA S . -34.83 -11.13 8.58
CA CA T . -4.44 4.42 -1.92
C1 GOL U . -6.06 12.46 -4.26
O1 GOL U . -7.10 12.78 -5.20
C2 GOL U . -4.72 13.12 -4.48
O2 GOL U . -3.83 12.50 -3.52
C3 GOL U . -4.21 12.87 -5.89
O3 GOL U . -2.88 12.34 -5.78
C1 GOL V . 2.50 7.11 9.19
O1 GOL V . 3.49 6.76 8.35
C2 GOL V . 3.25 7.27 10.51
O2 GOL V . 3.58 8.59 10.47
C3 GOL V . 2.38 7.11 11.72
O3 GOL V . 0.98 7.46 11.55
#